data_7B4Z
#
_entry.id   7B4Z
#
loop_
_entity.id
_entity.type
_entity.pdbx_description
1 polymer "DNA (5'-D(*CP*AP*CP*GP*CP*CP*GP*CP*TP*G)-3')"
2 polymer "DNA (5'-D(*CP*AP*GP*CP*GP*GP*CP*GP*TP*G)-3')"
#
loop_
_entity_poly.entity_id
_entity_poly.type
_entity_poly.pdbx_seq_one_letter_code
_entity_poly.pdbx_strand_id
1 'polydeoxyribonucleotide' (DC)(DA)(DC)(DG)(DC)(DC)(DG)(DC)(DT)(DG) A
2 'polydeoxyribonucleotide' (DC)(DA)(DG)(DC)(DG)(DG)(DC)(DG)(DT)(DG) B
#
loop_
_chem_comp.id
_chem_comp.type
_chem_comp.name
_chem_comp.formula
DA DNA linking 2'-DEOXYADENOSINE-5'-MONOPHOSPHATE 'C10 H14 N5 O6 P'
DC DNA linking 2'-DEOXYCYTIDINE-5'-MONOPHOSPHATE 'C9 H14 N3 O7 P'
DG DNA linking 2'-DEOXYGUANOSINE-5'-MONOPHOSPHATE 'C10 H14 N5 O7 P'
DT DNA linking THYMIDINE-5'-MONOPHOSPHATE 'C10 H15 N2 O8 P'
#